data_3ZJB
#
_entry.id   3ZJB
#
_cell.length_a   54.620
_cell.length_b   85.440
_cell.length_c   61.650
_cell.angle_alpha   90.00
_cell.angle_beta   108.08
_cell.angle_gamma   90.00
#
_symmetry.space_group_name_H-M   'P 1 21 1'
#
loop_
_entity.id
_entity.type
_entity.pdbx_description
1 polymer 'TNF RECEPTOR-ASSOCIATED FACTOR 4'
2 non-polymer 'CHLORIDE ION'
3 water water
#
_entity_poly.entity_id   1
_entity_poly.type   'polypeptide(L)'
_entity_poly.pdbx_seq_one_letter_code
;MALVSRQRQELQELRRELEELSVGSDGVLIWKIGSYGRRLQEAKAKPNLECFSPAFYTHKYGYKLQVSAFLNGNGSGEGT
HLSLYIRVLPGAFDNLLEWPFARRVTFSLLDQSDPGLAKPQHVTETFHPDPNWKNFQKPGTWRGSLDESSLGFGYPKFIS
HQDIRKRNYVRDDAVFIRAAVELPRKILSLEHHHHHH
;
_entity_poly.pdbx_strand_id   A,B,C
#
loop_
_chem_comp.id
_chem_comp.type
_chem_comp.name
_chem_comp.formula
CL non-polymer 'CHLORIDE ION' 'Cl -1'
#
# COMPACT_ATOMS: atom_id res chain seq x y z
N VAL A 4 14.05 0.92 26.86
CA VAL A 4 14.94 1.05 25.70
C VAL A 4 14.79 -0.15 24.77
N SER A 5 14.86 -1.38 25.34
CA SER A 5 14.72 -2.67 24.64
C SER A 5 13.39 -2.78 23.89
N ARG A 6 12.32 -2.21 24.47
CA ARG A 6 10.97 -2.18 23.90
C ARG A 6 10.91 -1.28 22.66
N GLN A 7 11.51 -0.06 22.73
CA GLN A 7 11.55 0.93 21.63
C GLN A 7 12.32 0.39 20.41
N ARG A 8 13.38 -0.40 20.67
CA ARG A 8 14.23 -1.00 19.64
C ARG A 8 13.56 -2.19 18.96
N GLN A 9 12.86 -3.02 19.76
CA GLN A 9 12.09 -4.18 19.27
C GLN A 9 10.91 -3.65 18.46
N GLU A 10 10.36 -2.47 18.87
CA GLU A 10 9.28 -1.79 18.17
C GLU A 10 9.76 -1.27 16.81
N LEU A 11 10.98 -0.67 16.74
CA LEU A 11 11.56 -0.14 15.49
C LEU A 11 11.81 -1.25 14.46
N GLN A 12 12.32 -2.41 14.95
CA GLN A 12 12.64 -3.62 14.18
C GLN A 12 11.37 -4.23 13.60
N GLU A 13 10.28 -4.17 14.37
CA GLU A 13 8.96 -4.69 14.00
C GLU A 13 8.37 -3.87 12.88
N LEU A 14 8.46 -2.52 13.00
CA LEU A 14 7.95 -1.57 11.99
C LEU A 14 8.75 -1.64 10.71
N ARG A 15 10.09 -1.83 10.81
CA ARG A 15 11.00 -1.95 9.67
C ARG A 15 10.66 -3.21 8.85
N ARG A 16 10.36 -4.31 9.54
CA ARG A 16 9.98 -5.58 8.95
C ARG A 16 8.64 -5.41 8.21
N GLU A 17 7.66 -4.73 8.87
CA GLU A 17 6.33 -4.43 8.33
C GLU A 17 6.44 -3.61 7.04
N LEU A 18 7.36 -2.62 7.01
CA LEU A 18 7.60 -1.79 5.83
C LEU A 18 8.13 -2.62 4.65
N GLU A 19 9.04 -3.57 4.95
CA GLU A 19 9.61 -4.45 3.95
C GLU A 19 8.57 -5.38 3.31
N GLU A 20 7.57 -5.83 4.09
CA GLU A 20 6.45 -6.65 3.59
C GLU A 20 5.50 -5.83 2.70
N LEU A 21 5.56 -4.47 2.81
CA LEU A 21 4.80 -3.54 1.97
C LEU A 21 5.52 -3.20 0.66
N SER A 22 6.75 -3.73 0.43
CA SER A 22 7.46 -3.53 -0.83
C SER A 22 6.84 -4.52 -1.84
N VAL A 23 5.96 -4.02 -2.71
CA VAL A 23 5.21 -4.83 -3.66
C VAL A 23 5.22 -4.10 -5.00
N GLY A 24 5.37 -4.86 -6.08
CA GLY A 24 5.30 -4.29 -7.42
C GLY A 24 3.92 -3.69 -7.72
N SER A 25 3.87 -2.69 -8.59
CA SER A 25 2.63 -2.04 -9.02
C SER A 25 2.27 -2.70 -10.34
N ASP A 26 1.25 -3.59 -10.32
CA ASP A 26 0.85 -4.40 -11.48
C ASP A 26 2.09 -5.19 -11.98
N GLY A 27 2.83 -5.76 -11.03
CA GLY A 27 4.04 -6.55 -11.27
C GLY A 27 5.31 -5.75 -11.56
N VAL A 28 5.23 -4.41 -11.46
CA VAL A 28 6.36 -3.52 -11.75
C VAL A 28 7.09 -2.97 -10.53
N LEU A 29 8.41 -3.13 -10.51
CA LEU A 29 9.28 -2.51 -9.51
C LEU A 29 10.14 -1.52 -10.26
N ILE A 30 10.22 -0.29 -9.74
CA ILE A 30 11.12 0.72 -10.26
C ILE A 30 12.10 1.01 -9.14
N TRP A 31 13.39 0.71 -9.40
CA TRP A 31 14.48 0.91 -8.46
C TRP A 31 15.35 2.08 -8.87
N LYS A 32 15.39 3.11 -8.01
CA LYS A 32 16.19 4.31 -8.25
C LYS A 32 17.57 4.14 -7.60
N ILE A 33 18.63 4.17 -8.41
CA ILE A 33 20.00 4.09 -7.90
C ILE A 33 20.53 5.52 -7.89
N GLY A 34 20.59 6.12 -6.70
CA GLY A 34 21.09 7.47 -6.50
C GLY A 34 22.60 7.45 -6.33
N SER A 35 23.22 8.66 -6.35
CA SER A 35 24.68 8.89 -6.24
C SER A 35 25.43 8.02 -7.28
N TYR A 36 24.92 7.97 -8.52
CA TYR A 36 25.50 7.13 -9.60
C TYR A 36 27.02 7.37 -9.81
N GLY A 37 27.39 8.65 -9.87
CA GLY A 37 28.76 9.09 -10.11
C GLY A 37 29.74 8.54 -9.09
N ARG A 38 29.37 8.61 -7.82
CA ARG A 38 30.20 8.10 -6.72
C ARG A 38 30.24 6.55 -6.73
N ARG A 39 29.08 5.91 -6.85
CA ARG A 39 28.91 4.45 -6.83
C ARG A 39 29.65 3.78 -8.01
N LEU A 40 29.66 4.46 -9.19
CA LEU A 40 30.42 4.00 -10.36
C LEU A 40 31.93 4.01 -10.02
N GLN A 41 32.43 5.08 -9.35
CA GLN A 41 33.84 5.11 -8.97
C GLN A 41 34.16 4.06 -7.93
N GLU A 42 33.22 3.78 -7.00
CA GLU A 42 33.44 2.71 -6.00
C GLU A 42 33.58 1.34 -6.70
N ALA A 43 32.74 1.11 -7.74
CA ALA A 43 32.70 -0.12 -8.51
C ALA A 43 33.98 -0.31 -9.36
N LYS A 44 34.56 0.80 -9.80
CA LYS A 44 35.83 0.77 -10.55
C LYS A 44 37.01 0.43 -9.64
N ALA A 45 36.92 0.79 -8.34
CA ALA A 45 37.95 0.53 -7.35
C ALA A 45 37.87 -0.90 -6.79
N LYS A 46 36.68 -1.51 -6.84
CA LYS A 46 36.42 -2.85 -6.32
C LYS A 46 35.65 -3.69 -7.36
N PRO A 47 36.35 -4.52 -8.18
CA PRO A 47 35.63 -5.38 -9.14
C PRO A 47 34.54 -6.22 -8.47
N ASN A 48 33.44 -6.45 -9.21
CA ASN A 48 32.29 -7.20 -8.72
C ASN A 48 31.59 -6.57 -7.50
N LEU A 49 31.68 -5.21 -7.30
CA LEU A 49 30.91 -4.55 -6.23
C LEU A 49 29.45 -4.57 -6.74
N GLU A 50 28.50 -5.13 -6.00
CA GLU A 50 27.09 -5.26 -6.42
C GLU A 50 26.15 -4.38 -5.60
N CYS A 51 25.22 -3.65 -6.28
CA CYS A 51 24.14 -2.81 -5.73
C CYS A 51 22.91 -3.69 -5.65
N PHE A 52 22.10 -3.54 -4.58
CA PHE A 52 20.90 -4.35 -4.41
C PHE A 52 19.67 -3.50 -4.29
N SER A 53 18.58 -3.93 -4.94
CA SER A 53 17.32 -3.19 -4.83
C SER A 53 16.72 -3.59 -3.46
N PRO A 54 15.68 -2.90 -2.95
CA PRO A 54 14.97 -3.50 -1.81
C PRO A 54 14.32 -4.80 -2.32
N ALA A 55 14.13 -5.79 -1.45
CA ALA A 55 13.39 -7.00 -1.83
C ALA A 55 11.95 -6.53 -2.11
N PHE A 56 11.25 -7.19 -3.03
CA PHE A 56 9.87 -6.85 -3.35
C PHE A 56 9.07 -8.08 -3.71
N TYR A 57 7.78 -8.02 -3.41
CA TYR A 57 6.86 -9.07 -3.80
C TYR A 57 6.37 -8.72 -5.21
N THR A 58 6.31 -9.71 -6.12
CA THR A 58 5.79 -9.51 -7.48
C THR A 58 4.37 -8.95 -7.45
N HIS A 59 3.58 -9.46 -6.49
CA HIS A 59 2.20 -9.08 -6.21
C HIS A 59 1.98 -9.44 -4.75
N LYS A 60 0.95 -8.88 -4.13
CA LYS A 60 0.64 -9.17 -2.75
C LYS A 60 0.47 -10.69 -2.59
N TYR A 61 1.20 -11.28 -1.63
CA TYR A 61 1.18 -12.73 -1.38
C TYR A 61 1.85 -13.55 -2.50
N GLY A 62 2.71 -12.90 -3.27
CA GLY A 62 3.43 -13.51 -4.39
C GLY A 62 4.86 -13.86 -4.09
N TYR A 63 5.69 -13.93 -5.15
CA TYR A 63 7.09 -14.28 -5.08
C TYR A 63 7.88 -13.08 -4.55
N LYS A 64 8.87 -13.35 -3.73
CA LYS A 64 9.76 -12.30 -3.25
C LYS A 64 11.01 -12.33 -4.14
N LEU A 65 11.28 -11.20 -4.81
CA LEU A 65 12.42 -11.07 -5.73
C LEU A 65 13.30 -9.90 -5.29
N GLN A 66 14.52 -9.82 -5.86
CA GLN A 66 15.44 -8.73 -5.58
C GLN A 66 16.29 -8.49 -6.82
N VAL A 67 16.35 -7.25 -7.26
CA VAL A 67 17.13 -6.86 -8.41
C VAL A 67 18.52 -6.47 -7.89
N SER A 68 19.54 -6.71 -8.69
CA SER A 68 20.90 -6.29 -8.38
C SER A 68 21.55 -5.76 -9.64
N ALA A 69 22.58 -4.93 -9.46
CA ALA A 69 23.32 -4.32 -10.55
C ALA A 69 24.79 -4.19 -10.22
N PHE A 70 25.63 -4.34 -11.26
CA PHE A 70 27.06 -4.12 -11.21
C PHE A 70 27.24 -2.89 -12.08
N LEU A 71 27.44 -1.71 -11.46
CA LEU A 71 27.58 -0.45 -12.21
C LEU A 71 28.78 -0.44 -13.15
N ASN A 72 29.85 -1.16 -12.76
CA ASN A 72 31.02 -1.31 -13.60
C ASN A 72 31.06 -2.70 -14.23
N GLY A 73 29.96 -3.45 -14.13
CA GLY A 73 29.79 -4.74 -14.78
C GLY A 73 30.42 -5.96 -14.14
N ASN A 74 29.95 -7.13 -14.57
CA ASN A 74 30.52 -8.39 -14.10
C ASN A 74 30.59 -9.37 -15.26
N GLY A 75 31.31 -10.48 -15.04
CA GLY A 75 31.50 -11.51 -16.07
C GLY A 75 32.06 -10.90 -17.34
N SER A 76 31.41 -11.18 -18.49
CA SER A 76 31.83 -10.64 -19.78
C SER A 76 31.66 -9.11 -19.93
N GLY A 77 30.88 -8.49 -19.04
CA GLY A 77 30.68 -7.05 -19.06
C GLY A 77 31.55 -6.25 -18.08
N GLU A 78 32.46 -6.93 -17.36
CA GLU A 78 33.31 -6.30 -16.35
C GLU A 78 34.22 -5.19 -16.92
N GLY A 79 34.08 -3.99 -16.37
CA GLY A 79 34.82 -2.80 -16.79
C GLY A 79 34.25 -2.08 -18.01
N THR A 80 33.22 -2.67 -18.68
CA THR A 80 32.71 -2.07 -19.94
C THR A 80 31.21 -1.85 -20.00
N HIS A 81 30.44 -2.51 -19.16
CA HIS A 81 28.98 -2.44 -19.18
C HIS A 81 28.38 -2.35 -17.79
N LEU A 82 27.09 -1.97 -17.76
CA LEU A 82 26.22 -2.10 -16.61
C LEU A 82 25.70 -3.56 -16.75
N SER A 83 25.65 -4.31 -15.66
CA SER A 83 25.12 -5.67 -15.67
C SER A 83 23.93 -5.67 -14.71
N LEU A 84 22.82 -6.39 -15.05
CA LEU A 84 21.61 -6.42 -14.26
C LEU A 84 21.14 -7.84 -13.98
N TYR A 85 20.74 -8.11 -12.75
CA TYR A 85 20.30 -9.44 -12.37
C TYR A 85 19.08 -9.40 -11.48
N ILE A 86 18.38 -10.53 -11.41
CA ILE A 86 17.28 -10.70 -10.49
C ILE A 86 17.49 -12.04 -9.81
N ARG A 87 16.98 -12.16 -8.57
CA ARG A 87 17.01 -13.38 -7.81
C ARG A 87 15.68 -13.61 -7.09
N VAL A 88 15.31 -14.88 -6.94
CA VAL A 88 14.16 -15.31 -6.16
C VAL A 88 14.72 -15.44 -4.74
N LEU A 89 14.06 -14.84 -3.77
CA LEU A 89 14.43 -14.96 -2.36
C LEU A 89 13.37 -15.81 -1.63
N PRO A 90 13.68 -16.42 -0.45
CA PRO A 90 12.62 -17.12 0.31
C PRO A 90 11.56 -16.09 0.72
N GLY A 91 10.31 -16.38 0.41
CA GLY A 91 9.20 -15.48 0.70
C GLY A 91 8.23 -16.10 1.69
N ALA A 92 7.45 -15.28 2.39
CA ALA A 92 6.53 -15.77 3.40
C ALA A 92 5.41 -16.69 2.82
N PHE A 93 5.09 -16.53 1.54
CA PHE A 93 3.97 -17.22 0.90
C PHE A 93 4.37 -18.30 -0.11
N ASP A 94 5.66 -18.70 -0.11
CA ASP A 94 6.19 -19.70 -1.06
C ASP A 94 5.36 -21.00 -1.21
N ASN A 95 4.82 -21.53 -0.11
CA ASN A 95 4.01 -22.76 -0.12
C ASN A 95 2.68 -22.66 -0.88
N LEU A 96 2.26 -21.42 -1.21
CA LEU A 96 1.02 -21.14 -1.94
C LEU A 96 1.27 -20.95 -3.42
N LEU A 97 2.54 -20.91 -3.82
CA LEU A 97 2.94 -20.59 -5.18
C LEU A 97 3.33 -21.76 -6.08
N GLU A 98 3.33 -21.52 -7.39
CA GLU A 98 3.75 -22.52 -8.37
C GLU A 98 5.27 -22.49 -8.45
N TRP A 99 5.89 -23.68 -8.48
CA TRP A 99 7.34 -23.80 -8.60
C TRP A 99 7.68 -24.78 -9.75
N PRO A 100 8.71 -24.52 -10.58
CA PRO A 100 9.64 -23.38 -10.54
C PRO A 100 9.00 -22.05 -10.91
N PHE A 101 9.63 -20.94 -10.49
CA PHE A 101 9.19 -19.59 -10.86
C PHE A 101 9.30 -19.53 -12.40
N ALA A 102 8.19 -19.24 -13.08
CA ALA A 102 8.16 -19.28 -14.54
C ALA A 102 7.56 -18.05 -15.19
N ARG A 103 7.55 -16.95 -14.47
CA ARG A 103 6.99 -15.70 -14.98
CA ARG A 103 6.98 -15.71 -14.97
C ARG A 103 7.98 -14.97 -15.84
N ARG A 104 7.48 -14.38 -16.91
CA ARG A 104 8.24 -13.53 -17.82
CA ARG A 104 8.37 -13.59 -17.72
C ARG A 104 8.75 -12.30 -17.01
N VAL A 105 10.03 -11.94 -17.15
CA VAL A 105 10.59 -10.78 -16.47
C VAL A 105 11.15 -9.83 -17.54
N THR A 106 10.73 -8.55 -17.49
CA THR A 106 11.23 -7.54 -18.41
C THR A 106 12.07 -6.54 -17.65
N PHE A 107 13.36 -6.45 -18.02
CA PHE A 107 14.33 -5.54 -17.43
C PHE A 107 14.40 -4.33 -18.33
N SER A 108 14.42 -3.13 -17.72
CA SER A 108 14.62 -1.91 -18.47
C SER A 108 15.52 -0.98 -17.71
N LEU A 109 16.33 -0.23 -18.45
CA LEU A 109 17.08 0.90 -17.92
C LEU A 109 16.31 2.09 -18.57
N LEU A 110 15.73 2.95 -17.75
CA LEU A 110 14.83 4.00 -18.26
C LEU A 110 15.55 5.20 -18.83
N ASP A 111 15.06 5.66 -20.00
CA ASP A 111 15.54 6.89 -20.60
C ASP A 111 14.71 8.00 -19.87
N GLN A 112 15.39 8.84 -19.07
CA GLN A 112 14.78 9.91 -18.26
C GLN A 112 14.51 11.20 -19.07
N SER A 113 13.70 11.05 -20.12
CA SER A 113 13.32 12.19 -20.97
CA SER A 113 13.33 12.17 -20.98
C SER A 113 11.84 12.48 -20.78
N ASP A 114 11.48 13.77 -20.85
CA ASP A 114 10.09 14.20 -20.72
C ASP A 114 9.36 13.64 -21.93
N PRO A 115 8.36 12.76 -21.70
CA PRO A 115 7.66 12.16 -22.85
C PRO A 115 6.90 13.13 -23.74
N GLY A 116 6.57 14.31 -23.22
CA GLY A 116 5.89 15.32 -23.99
C GLY A 116 6.82 16.08 -24.95
N LEU A 117 8.16 16.03 -24.69
CA LEU A 117 9.19 16.71 -25.48
C LEU A 117 9.96 15.79 -26.44
N ALA A 118 10.20 14.56 -26.02
CA ALA A 118 10.94 13.56 -26.81
C ALA A 118 10.48 12.18 -26.41
N LYS A 119 10.36 11.26 -27.37
CA LYS A 119 9.96 9.90 -27.01
C LYS A 119 11.10 9.17 -26.26
N PRO A 120 10.86 8.64 -25.04
CA PRO A 120 11.93 7.91 -24.33
C PRO A 120 12.39 6.68 -25.10
N GLN A 121 13.69 6.44 -25.08
CA GLN A 121 14.32 5.26 -25.72
C GLN A 121 14.89 4.34 -24.64
N HIS A 122 14.01 3.57 -23.97
CA HIS A 122 14.43 2.69 -22.87
C HIS A 122 15.24 1.52 -23.41
N VAL A 123 16.17 1.00 -22.63
CA VAL A 123 16.95 -0.17 -23.01
C VAL A 123 16.24 -1.34 -22.29
N THR A 124 15.71 -2.28 -23.04
CA THR A 124 14.86 -3.35 -22.53
C THR A 124 15.22 -4.73 -23.04
N GLU A 125 14.98 -5.75 -22.22
CA GLU A 125 15.18 -7.15 -22.56
C GLU A 125 14.22 -7.97 -21.71
N THR A 126 13.57 -8.94 -22.34
CA THR A 126 12.62 -9.82 -21.70
C THR A 126 13.26 -11.18 -21.44
N PHE A 127 13.23 -11.58 -20.16
CA PHE A 127 13.80 -12.83 -19.66
C PHE A 127 12.68 -13.87 -19.58
N HIS A 128 12.87 -15.02 -20.25
N HIS A 128 12.90 -15.03 -20.22
CA HIS A 128 11.93 -16.14 -20.19
CA HIS A 128 11.98 -16.16 -20.25
C HIS A 128 12.62 -17.28 -19.42
C HIS A 128 12.64 -17.29 -19.41
N PRO A 129 12.31 -17.44 -18.10
CA PRO A 129 12.98 -18.49 -17.29
C PRO A 129 12.92 -19.92 -17.84
N ASP A 130 14.06 -20.59 -17.86
CA ASP A 130 14.15 -21.99 -18.28
C ASP A 130 13.69 -22.84 -17.06
N PRO A 131 12.67 -23.73 -17.20
CA PRO A 131 12.22 -24.52 -16.04
C PRO A 131 13.26 -25.48 -15.46
N ASN A 132 14.35 -25.74 -16.19
CA ASN A 132 15.45 -26.60 -15.74
C ASN A 132 16.52 -25.89 -14.92
N TRP A 133 16.64 -24.55 -15.05
CA TRP A 133 17.60 -23.81 -14.25
C TRP A 133 17.20 -23.87 -12.79
N LYS A 134 18.18 -24.19 -11.94
CA LYS A 134 18.02 -24.30 -10.49
C LYS A 134 17.58 -22.99 -9.83
N ASN A 135 17.93 -21.84 -10.47
CA ASN A 135 17.66 -20.46 -10.07
C ASN A 135 16.19 -20.21 -9.72
N PHE A 136 15.28 -20.86 -10.45
CA PHE A 136 13.84 -20.70 -10.33
C PHE A 136 13.15 -21.71 -9.42
N GLN A 137 13.89 -22.70 -8.88
CA GLN A 137 13.30 -23.72 -8.02
C GLN A 137 12.88 -23.11 -6.68
N LYS A 138 11.97 -23.80 -5.97
CA LYS A 138 11.47 -23.40 -4.67
C LYS A 138 12.62 -23.17 -3.70
N PRO A 139 12.69 -21.98 -3.05
CA PRO A 139 13.79 -21.71 -2.10
C PRO A 139 13.84 -22.74 -0.98
N GLY A 140 15.07 -23.11 -0.61
CA GLY A 140 15.36 -24.13 0.40
C GLY A 140 15.40 -25.52 -0.20
N THR A 141 14.24 -25.94 -0.76
CA THR A 141 14.01 -27.24 -1.41
C THR A 141 14.75 -27.33 -2.76
N SER A 150 24.78 -16.14 -4.91
CA SER A 150 23.35 -16.44 -4.97
C SER A 150 22.88 -16.90 -6.37
N LEU A 151 21.58 -17.28 -6.51
CA LEU A 151 21.00 -17.81 -7.76
C LEU A 151 20.52 -16.76 -8.78
N GLY A 152 21.23 -15.64 -8.90
CA GLY A 152 20.88 -14.57 -9.81
C GLY A 152 20.82 -14.97 -11.27
N PHE A 153 19.92 -14.36 -12.04
CA PHE A 153 19.79 -14.62 -13.48
C PHE A 153 19.69 -13.26 -14.13
N GLY A 154 20.39 -13.07 -15.24
CA GLY A 154 20.36 -11.76 -15.90
C GLY A 154 21.37 -11.56 -17.01
N TYR A 155 21.76 -10.30 -17.16
CA TYR A 155 22.59 -9.85 -18.26
C TYR A 155 23.89 -9.19 -17.88
N PRO A 156 25.05 -9.80 -18.27
CA PRO A 156 26.33 -9.15 -17.98
C PRO A 156 26.60 -7.92 -18.84
N LYS A 157 26.04 -7.87 -20.07
CA LYS A 157 26.26 -6.75 -20.99
C LYS A 157 24.94 -6.00 -21.29
N PHE A 158 24.31 -5.44 -20.26
CA PHE A 158 23.01 -4.79 -20.42
C PHE A 158 23.09 -3.52 -21.27
N ILE A 159 24.01 -2.64 -20.94
CA ILE A 159 24.28 -1.41 -21.69
C ILE A 159 25.76 -1.05 -21.48
N SER A 160 26.45 -0.68 -22.55
CA SER A 160 27.86 -0.31 -22.46
C SER A 160 28.03 1.06 -21.81
N HIS A 161 29.24 1.33 -21.27
CA HIS A 161 29.59 2.61 -20.67
C HIS A 161 29.49 3.76 -21.71
N GLN A 162 29.77 3.44 -23.00
CA GLN A 162 29.64 4.43 -24.08
C GLN A 162 28.17 4.76 -24.37
N ASP A 163 27.31 3.72 -24.46
CA ASP A 163 25.88 3.90 -24.74
C ASP A 163 25.08 4.55 -23.66
N ILE A 164 25.42 4.32 -22.38
CA ILE A 164 24.68 4.88 -21.23
C ILE A 164 24.73 6.43 -21.24
N ARG A 165 25.77 7.02 -21.88
CA ARG A 165 25.94 8.48 -21.91
C ARG A 165 25.18 9.11 -23.09
N LYS A 166 24.64 8.27 -24.02
CA LYS A 166 23.96 8.74 -25.22
C LYS A 166 22.50 9.17 -25.15
N ARG A 167 21.82 8.82 -24.08
CA ARG A 167 20.44 9.24 -23.80
C ARG A 167 20.47 9.61 -22.32
N ASN A 168 19.32 10.05 -21.78
CA ASN A 168 19.15 10.43 -20.38
C ASN A 168 19.01 9.24 -19.43
N TYR A 169 19.87 8.22 -19.57
CA TYR A 169 19.90 7.05 -18.67
C TYR A 169 20.41 7.46 -17.31
N VAL A 170 21.37 8.40 -17.30
CA VAL A 170 21.88 8.98 -16.06
C VAL A 170 21.41 10.43 -16.08
N ARG A 171 20.60 10.82 -15.09
CA ARG A 171 20.10 12.19 -14.99
C ARG A 171 19.98 12.54 -13.52
N ASP A 172 20.42 13.75 -13.14
CA ASP A 172 20.47 14.19 -11.74
C ASP A 172 21.21 13.17 -10.86
N ASP A 173 22.30 12.61 -11.43
CA ASP A 173 23.17 11.62 -10.79
C ASP A 173 22.45 10.36 -10.30
N ALA A 174 21.42 9.94 -11.05
CA ALA A 174 20.64 8.76 -10.72
C ALA A 174 20.22 7.98 -11.97
N VAL A 175 20.00 6.68 -11.80
CA VAL A 175 19.52 5.79 -12.87
C VAL A 175 18.28 5.10 -12.34
N PHE A 176 17.33 4.76 -13.23
CA PHE A 176 16.17 3.96 -12.89
C PHE A 176 16.24 2.59 -13.56
N ILE A 177 16.16 1.56 -12.75
CA ILE A 177 16.09 0.17 -13.23
C ILE A 177 14.64 -0.29 -13.00
N ARG A 178 14.01 -0.78 -14.06
CA ARG A 178 12.65 -1.29 -14.02
C ARG A 178 12.63 -2.81 -14.24
N ALA A 179 11.92 -3.52 -13.36
CA ALA A 179 11.72 -4.96 -13.47
C ALA A 179 10.20 -5.18 -13.52
N ALA A 180 9.68 -5.61 -14.66
CA ALA A 180 8.25 -5.85 -14.84
C ALA A 180 8.04 -7.36 -14.92
N VAL A 181 7.31 -7.90 -13.96
CA VAL A 181 7.06 -9.33 -13.88
C VAL A 181 5.66 -9.58 -14.37
N GLU A 182 5.51 -10.49 -15.38
CA GLU A 182 4.20 -10.83 -15.95
C GLU A 182 3.42 -11.58 -14.87
N LEU A 183 2.25 -11.05 -14.43
CA LEU A 183 1.48 -11.60 -13.31
C LEU A 183 0.57 -12.77 -13.68
N SER B 5 10.48 9.23 25.42
CA SER B 5 9.04 9.50 25.34
C SER B 5 8.67 10.17 24.01
N ARG B 6 9.47 11.16 23.56
CA ARG B 6 9.26 11.87 22.28
C ARG B 6 9.41 10.89 21.10
N GLN B 7 10.42 10.01 21.18
CA GLN B 7 10.72 8.96 20.19
C GLN B 7 9.71 7.82 20.29
N ARG B 8 9.21 7.56 21.52
CA ARG B 8 8.19 6.53 21.79
C ARG B 8 6.82 6.95 21.21
N GLN B 9 6.50 8.27 21.28
CA GLN B 9 5.28 8.90 20.78
C GLN B 9 5.31 8.81 19.26
N GLU B 10 6.50 9.07 18.67
CA GLU B 10 6.80 9.02 17.25
C GLU B 10 6.64 7.60 16.71
N LEU B 11 7.07 6.57 17.50
CA LEU B 11 6.94 5.14 17.13
C LEU B 11 5.49 4.69 17.04
N GLN B 12 4.65 5.21 17.96
CA GLN B 12 3.23 4.88 18.00
C GLN B 12 2.48 5.55 16.85
N GLU B 13 2.94 6.75 16.41
CA GLU B 13 2.38 7.49 15.29
C GLU B 13 2.66 6.74 13.99
N LEU B 14 3.89 6.19 13.85
CA LEU B 14 4.32 5.42 12.68
C LEU B 14 3.59 4.08 12.64
N ARG B 15 3.34 3.47 13.81
CA ARG B 15 2.61 2.21 13.94
C ARG B 15 1.14 2.40 13.43
N ARG B 16 0.55 3.55 13.73
CA ARG B 16 -0.81 3.92 13.31
C ARG B 16 -0.83 4.12 11.80
N GLU B 17 0.23 4.79 11.26
CA GLU B 17 0.41 5.05 9.84
C GLU B 17 0.52 3.74 9.08
N LEU B 18 1.26 2.75 9.63
CA LEU B 18 1.40 1.42 9.04
C LEU B 18 0.07 0.68 9.01
N GLU B 19 -0.75 0.74 10.12
CA GLU B 19 -2.08 0.10 10.19
C GLU B 19 -3.00 0.69 9.10
N GLU B 20 -2.93 2.01 8.86
CA GLU B 20 -3.74 2.65 7.82
C GLU B 20 -3.36 2.14 6.40
N LEU B 21 -2.12 1.63 6.25
CA LEU B 21 -1.62 1.02 5.01
C LEU B 21 -1.95 -0.48 4.88
N SER B 22 -2.59 -1.09 5.91
CA SER B 22 -2.99 -2.50 5.81
C SER B 22 -4.29 -2.52 5.03
N VAL B 23 -4.20 -2.89 3.76
CA VAL B 23 -5.31 -2.87 2.80
C VAL B 23 -5.27 -4.21 2.05
N GLY B 24 -6.44 -4.80 1.85
CA GLY B 24 -6.57 -6.03 1.08
C GLY B 24 -6.08 -5.85 -0.33
N SER B 25 -5.61 -6.94 -0.96
CA SER B 25 -5.15 -6.92 -2.34
C SER B 25 -6.34 -7.39 -3.18
N ASP B 26 -7.01 -6.44 -3.88
CA ASP B 26 -8.26 -6.72 -4.62
C ASP B 26 -9.29 -7.37 -3.65
N GLY B 27 -9.39 -6.80 -2.45
CA GLY B 27 -10.29 -7.21 -1.38
C GLY B 27 -9.85 -8.43 -0.59
N VAL B 28 -8.64 -8.93 -0.86
CA VAL B 28 -8.11 -10.14 -0.22
C VAL B 28 -7.07 -9.89 0.86
N LEU B 29 -7.32 -10.51 2.03
CA LEU B 29 -6.35 -10.56 3.12
C LEU B 29 -5.91 -12.01 3.25
N ILE B 30 -4.59 -12.25 3.28
CA ILE B 30 -4.05 -13.56 3.58
C ILE B 30 -3.29 -13.41 4.89
N TRP B 31 -3.73 -14.16 5.90
CA TRP B 31 -3.18 -14.14 7.23
C TRP B 31 -2.44 -15.43 7.57
N LYS B 32 -1.14 -15.31 7.81
CA LYS B 32 -0.29 -16.46 8.16
C LYS B 32 -0.24 -16.65 9.68
N ILE B 33 -0.65 -17.80 10.15
CA ILE B 33 -0.54 -18.12 11.59
C ILE B 33 0.63 -19.11 11.74
N GLY B 34 1.75 -18.62 12.25
CA GLY B 34 2.95 -19.41 12.51
C GLY B 34 2.91 -20.09 13.86
N SER B 35 3.87 -21.00 14.12
CA SER B 35 4.00 -21.80 15.37
C SER B 35 2.69 -22.47 15.70
N TYR B 36 2.05 -23.07 14.67
CA TYR B 36 0.75 -23.73 14.81
C TYR B 36 0.66 -24.76 15.99
N GLY B 37 1.63 -25.66 16.07
CA GLY B 37 1.65 -26.70 17.10
C GLY B 37 1.59 -26.16 18.52
N ARG B 38 2.50 -25.20 18.82
CA ARG B 38 2.60 -24.54 20.12
CA ARG B 38 2.57 -24.56 20.14
C ARG B 38 1.30 -23.78 20.44
N ARG B 39 0.79 -23.02 19.46
CA ARG B 39 -0.42 -22.23 19.62
C ARG B 39 -1.64 -23.11 19.86
N LEU B 40 -1.71 -24.30 19.22
CA LEU B 40 -2.78 -25.28 19.45
C LEU B 40 -2.72 -25.77 20.92
N GLN B 41 -1.51 -26.08 21.44
CA GLN B 41 -1.35 -26.50 22.84
C GLN B 41 -1.76 -25.40 23.82
N GLU B 42 -1.39 -24.15 23.50
CA GLU B 42 -1.78 -22.98 24.30
C GLU B 42 -3.31 -22.84 24.35
N ALA B 43 -3.98 -23.02 23.20
CA ALA B 43 -5.43 -22.89 23.05
C ALA B 43 -6.17 -24.01 23.81
N LYS B 44 -5.57 -25.22 23.85
CA LYS B 44 -6.14 -26.32 24.61
C LYS B 44 -6.13 -25.99 26.12
N ALA B 45 -5.13 -25.22 26.57
CA ALA B 45 -4.97 -24.84 27.97
C ALA B 45 -5.78 -23.61 28.34
N LYS B 46 -6.12 -22.80 27.34
CA LYS B 46 -6.84 -21.54 27.53
C LYS B 46 -8.01 -21.50 26.53
N PRO B 47 -9.20 -22.03 26.90
CA PRO B 47 -10.34 -22.09 25.95
C PRO B 47 -10.71 -20.81 25.21
N ASN B 48 -10.59 -19.65 25.85
CA ASN B 48 -10.92 -18.41 25.15
C ASN B 48 -9.77 -17.89 24.24
N LEU B 49 -8.63 -18.64 24.17
CA LEU B 49 -7.46 -18.15 23.41
C LEU B 49 -7.75 -17.94 21.92
N GLU B 50 -7.76 -16.68 21.53
CA GLU B 50 -8.11 -16.21 20.20
C GLU B 50 -6.91 -15.53 19.55
N CYS B 51 -6.64 -15.88 18.28
CA CYS B 51 -5.61 -15.30 17.44
C CYS B 51 -6.29 -14.20 16.65
N PHE B 52 -5.61 -13.06 16.43
CA PHE B 52 -6.19 -11.95 15.68
C PHE B 52 -5.35 -11.63 14.48
N SER B 53 -6.00 -11.36 13.34
CA SER B 53 -5.25 -10.99 12.15
C SER B 53 -4.89 -9.51 12.34
N PRO B 54 -3.99 -8.91 11.53
CA PRO B 54 -3.86 -7.45 11.60
C PRO B 54 -5.19 -6.87 11.09
N ALA B 55 -5.58 -5.70 11.58
CA ALA B 55 -6.76 -5.00 11.06
C ALA B 55 -6.41 -4.66 9.61
N PHE B 56 -7.43 -4.65 8.74
CA PHE B 56 -7.19 -4.29 7.32
C PHE B 56 -8.40 -3.59 6.71
N TYR B 57 -8.13 -2.68 5.77
CA TYR B 57 -9.19 -2.02 5.00
C TYR B 57 -9.50 -2.95 3.83
N THR B 58 -10.79 -3.13 3.53
CA THR B 58 -11.23 -3.95 2.40
C THR B 58 -10.61 -3.43 1.11
N HIS B 59 -10.58 -2.09 1.00
CA HIS B 59 -10.04 -1.31 -0.11
C HIS B 59 -9.69 0.05 0.45
N LYS B 60 -8.88 0.81 -0.26
CA LYS B 60 -8.50 2.14 0.19
C LYS B 60 -9.76 2.98 0.41
N TYR B 61 -9.88 3.57 1.61
CA TYR B 61 -11.04 4.38 2.04
C TYR B 61 -12.29 3.53 2.25
N GLY B 62 -12.10 2.22 2.48
CA GLY B 62 -13.20 1.30 2.71
C GLY B 62 -13.40 0.94 4.15
N TYR B 63 -14.00 -0.25 4.36
CA TYR B 63 -14.31 -0.76 5.70
C TYR B 63 -13.06 -1.35 6.35
N LYS B 64 -12.91 -1.15 7.66
CA LYS B 64 -11.82 -1.75 8.44
C LYS B 64 -12.38 -3.02 9.08
N LEU B 65 -11.76 -4.15 8.77
CA LEU B 65 -12.15 -5.47 9.29
C LEU B 65 -10.98 -6.15 9.99
N GLN B 66 -11.29 -7.23 10.74
CA GLN B 66 -10.28 -8.02 11.42
C GLN B 66 -10.79 -9.45 11.51
N VAL B 67 -9.96 -10.39 11.10
CA VAL B 67 -10.26 -11.82 11.16
C VAL B 67 -9.72 -12.33 12.50
N SER B 68 -10.46 -13.29 13.07
CA SER B 68 -10.03 -13.95 14.29
C SER B 68 -10.21 -15.46 14.21
N ALA B 69 -9.34 -16.20 14.91
CA ALA B 69 -9.39 -17.66 14.90
C ALA B 69 -9.15 -18.25 16.25
N PHE B 70 -9.88 -19.33 16.56
CA PHE B 70 -9.72 -20.15 17.76
C PHE B 70 -9.18 -21.46 17.24
N LEU B 71 -7.88 -21.70 17.44
CA LEU B 71 -7.21 -22.90 16.95
C LEU B 71 -7.77 -24.17 17.56
N ASN B 72 -8.25 -24.10 18.80
CA ASN B 72 -8.90 -25.24 19.44
C ASN B 72 -10.43 -25.08 19.47
N GLY B 73 -10.94 -24.08 18.77
CA GLY B 73 -12.37 -23.89 18.65
C GLY B 73 -13.06 -23.14 19.77
N ASN B 74 -14.26 -22.62 19.44
N ASN B 74 -14.27 -22.69 19.51
CA ASN B 74 -15.14 -21.82 20.28
CA ASN B 74 -15.12 -22.07 20.52
C ASN B 74 -16.61 -22.28 20.11
C ASN B 74 -16.56 -22.40 20.21
N GLY B 75 -17.42 -22.18 21.18
CA GLY B 75 -18.84 -22.52 21.11
C GLY B 75 -19.03 -24.00 20.79
N SER B 76 -19.80 -24.29 19.73
CA SER B 76 -20.07 -25.68 19.31
C SER B 76 -18.84 -26.40 18.75
N GLY B 77 -17.79 -25.66 18.36
CA GLY B 77 -16.56 -26.25 17.84
C GLY B 77 -15.45 -26.43 18.86
N GLU B 78 -15.68 -26.05 20.13
CA GLU B 78 -14.68 -26.12 21.20
C GLU B 78 -14.10 -27.53 21.43
N GLY B 79 -12.79 -27.64 21.28
CA GLY B 79 -12.05 -28.88 21.43
C GLY B 79 -12.06 -29.77 20.21
N THR B 80 -12.83 -29.43 19.14
CA THR B 80 -12.96 -30.31 17.97
C THR B 80 -12.66 -29.68 16.61
N HIS B 81 -12.73 -28.34 16.53
CA HIS B 81 -12.58 -27.62 15.29
C HIS B 81 -11.82 -26.32 15.43
N LEU B 82 -11.39 -25.79 14.28
CA LEU B 82 -10.83 -24.44 14.17
CA LEU B 82 -10.83 -24.44 14.18
C LEU B 82 -12.08 -23.59 13.95
N SER B 83 -12.21 -22.45 14.68
CA SER B 83 -13.38 -21.59 14.50
C SER B 83 -12.91 -20.28 13.90
N LEU B 84 -13.62 -19.77 12.86
CA LEU B 84 -13.25 -18.52 12.16
C LEU B 84 -14.31 -17.44 12.29
N TYR B 85 -13.86 -16.21 12.55
CA TYR B 85 -14.76 -15.06 12.69
C TYR B 85 -14.16 -13.82 12.05
N ILE B 86 -15.04 -12.89 11.68
CA ILE B 86 -14.67 -11.58 11.14
C ILE B 86 -15.54 -10.53 11.79
N ARG B 87 -14.93 -9.37 12.05
CA ARG B 87 -15.69 -8.26 12.60
C ARG B 87 -15.27 -6.97 11.96
N VAL B 88 -16.19 -6.01 12.02
CA VAL B 88 -16.00 -4.64 11.56
C VAL B 88 -15.38 -3.89 12.75
N LEU B 89 -14.33 -3.11 12.49
CA LEU B 89 -13.70 -2.28 13.51
C LEU B 89 -13.97 -0.80 13.16
N PRO B 90 -13.90 0.16 14.11
CA PRO B 90 -14.03 1.59 13.72
C PRO B 90 -12.94 1.94 12.72
N GLY B 91 -13.35 2.46 11.57
CA GLY B 91 -12.45 2.89 10.51
C GLY B 91 -12.48 4.39 10.33
N ALA B 92 -11.41 4.95 9.76
CA ALA B 92 -11.32 6.40 9.57
C ALA B 92 -12.36 6.96 8.60
N PHE B 93 -12.88 6.12 7.68
CA PHE B 93 -13.79 6.55 6.62
C PHE B 93 -15.24 6.12 6.81
N ASP B 94 -15.59 5.61 8.01
CA ASP B 94 -16.93 5.07 8.28
C ASP B 94 -18.11 5.95 7.87
N ASN B 95 -18.03 7.26 8.11
CA ASN B 95 -19.13 8.18 7.79
C ASN B 95 -19.41 8.34 6.27
N LEU B 96 -18.50 7.84 5.41
CA LEU B 96 -18.62 7.87 3.97
C LEU B 96 -19.18 6.58 3.40
N LEU B 97 -19.37 5.58 4.26
CA LEU B 97 -19.75 4.23 3.85
C LEU B 97 -21.21 3.87 4.07
N GLU B 98 -21.66 2.82 3.39
CA GLU B 98 -23.01 2.29 3.56
C GLU B 98 -23.03 1.41 4.80
N TRP B 99 -24.06 1.55 5.63
CA TRP B 99 -24.22 0.71 6.82
C TRP B 99 -25.65 0.11 6.84
N PRO B 100 -25.82 -1.16 7.28
CA PRO B 100 -24.81 -2.10 7.77
C PRO B 100 -23.86 -2.59 6.66
N PHE B 101 -22.68 -3.08 7.08
CA PHE B 101 -21.71 -3.68 6.16
C PHE B 101 -22.44 -4.88 5.48
N ALA B 102 -22.46 -4.90 4.14
CA ALA B 102 -23.23 -5.89 3.40
C ALA B 102 -22.46 -6.52 2.24
N ARG B 103 -21.13 -6.34 2.20
CA ARG B 103 -20.27 -6.93 1.17
C ARG B 103 -20.01 -8.42 1.43
N ARG B 104 -20.12 -9.25 0.40
CA ARG B 104 -19.89 -10.70 0.45
C ARG B 104 -18.49 -11.01 0.97
N VAL B 105 -18.38 -11.97 1.90
CA VAL B 105 -17.11 -12.36 2.51
C VAL B 105 -16.91 -13.84 2.23
N THR B 106 -15.70 -14.20 1.75
CA THR B 106 -15.34 -15.59 1.53
C THR B 106 -14.13 -15.94 2.40
N PHE B 107 -14.31 -16.89 3.32
CA PHE B 107 -13.25 -17.39 4.19
C PHE B 107 -12.68 -18.66 3.58
N SER B 108 -11.35 -18.80 3.63
CA SER B 108 -10.67 -20.02 3.17
C SER B 108 -9.52 -20.39 4.08
N LEU B 109 -9.39 -21.68 4.34
CA LEU B 109 -8.20 -22.20 5.00
C LEU B 109 -7.48 -22.85 3.84
N LEU B 110 -6.31 -22.34 3.53
CA LEU B 110 -5.55 -22.77 2.36
C LEU B 110 -4.84 -24.11 2.44
N ASP B 111 -5.03 -24.95 1.40
CA ASP B 111 -4.36 -26.24 1.29
C ASP B 111 -3.01 -25.89 0.61
N GLN B 112 -1.90 -25.96 1.36
CA GLN B 112 -0.55 -25.53 0.93
C GLN B 112 0.15 -26.50 -0.03
N SER B 113 -0.50 -26.81 -1.13
CA SER B 113 0.04 -27.68 -2.17
C SER B 113 0.38 -26.83 -3.41
N ASP B 114 1.45 -27.20 -4.14
CA ASP B 114 1.86 -26.47 -5.34
C ASP B 114 0.72 -26.59 -6.34
N PRO B 115 0.09 -25.45 -6.70
CA PRO B 115 -1.05 -25.52 -7.65
C PRO B 115 -0.69 -26.06 -9.04
N GLY B 116 0.58 -25.94 -9.42
CA GLY B 116 1.06 -26.41 -10.72
C GLY B 116 1.17 -27.93 -10.81
N LEU B 117 1.36 -28.63 -9.68
CA LEU B 117 1.48 -30.10 -9.69
C LEU B 117 0.29 -30.89 -9.11
N ALA B 118 -0.51 -30.25 -8.24
CA ALA B 118 -1.73 -30.86 -7.67
C ALA B 118 -2.73 -29.80 -7.32
N LYS B 119 -4.02 -30.09 -7.54
CA LYS B 119 -5.05 -29.12 -7.21
C LYS B 119 -5.20 -28.98 -5.68
N PRO B 120 -4.94 -27.76 -5.12
CA PRO B 120 -5.13 -27.59 -3.67
C PRO B 120 -6.63 -27.59 -3.38
N GLN B 121 -7.04 -28.27 -2.29
CA GLN B 121 -8.44 -28.33 -1.92
C GLN B 121 -8.66 -27.45 -0.70
N HIS B 122 -8.85 -26.17 -0.93
CA HIS B 122 -9.08 -25.18 0.12
C HIS B 122 -10.43 -25.43 0.78
N VAL B 123 -10.52 -25.15 2.08
CA VAL B 123 -11.76 -25.28 2.83
C VAL B 123 -12.35 -23.88 2.86
N THR B 124 -13.56 -23.74 2.33
CA THR B 124 -14.19 -22.44 2.11
C THR B 124 -15.62 -22.31 2.67
N GLU B 125 -15.96 -21.09 3.15
CA GLU B 125 -17.32 -20.66 3.52
C GLU B 125 -17.55 -19.25 2.96
N THR B 126 -18.71 -19.05 2.33
CA THR B 126 -19.10 -17.73 1.80
CA THR B 126 -19.10 -17.76 1.76
C THR B 126 -20.40 -17.29 2.42
N PHE B 127 -20.51 -16.00 2.70
CA PHE B 127 -21.74 -15.48 3.28
C PHE B 127 -21.97 -14.04 2.87
N HIS B 128 -23.26 -13.66 2.88
CA HIS B 128 -23.72 -12.30 2.64
CA HIS B 128 -23.80 -12.33 2.61
C HIS B 128 -24.03 -11.77 4.04
N PRO B 129 -23.24 -10.78 4.56
CA PRO B 129 -23.44 -10.33 5.95
C PRO B 129 -24.87 -10.05 6.32
N ASP B 130 -25.31 -10.66 7.42
CA ASP B 130 -26.69 -10.52 7.89
C ASP B 130 -26.88 -9.12 8.50
N PRO B 131 -27.85 -8.31 7.98
CA PRO B 131 -28.05 -6.95 8.51
C PRO B 131 -28.46 -6.88 9.99
N ASN B 132 -28.86 -8.02 10.58
CA ASN B 132 -29.26 -8.11 11.98
C ASN B 132 -28.11 -8.41 12.93
N TRP B 133 -26.91 -8.81 12.43
CA TRP B 133 -25.75 -9.06 13.29
C TRP B 133 -25.17 -7.72 13.70
N LYS B 134 -25.20 -7.45 15.02
CA LYS B 134 -24.80 -6.19 15.66
C LYS B 134 -23.45 -5.68 15.21
N ASN B 135 -22.47 -6.56 15.00
CA ASN B 135 -21.16 -6.13 14.57
C ASN B 135 -21.14 -5.41 13.21
N PHE B 136 -21.80 -5.99 12.20
CA PHE B 136 -21.88 -5.41 10.87
C PHE B 136 -22.57 -4.01 10.86
N GLN B 137 -23.10 -3.53 11.99
CA GLN B 137 -23.68 -2.20 12.09
C GLN B 137 -22.53 -1.18 12.22
N LYS B 138 -22.83 0.09 11.98
CA LYS B 138 -21.87 1.19 12.05
C LYS B 138 -21.17 1.22 13.42
N PRO B 139 -19.81 1.12 13.49
CA PRO B 139 -19.13 1.16 14.81
C PRO B 139 -19.34 2.50 15.52
N GLY B 140 -19.57 2.41 16.83
CA GLY B 140 -19.81 3.59 17.66
C GLY B 140 -21.19 4.19 17.48
N ARG B 143 -21.97 5.62 22.75
CA ARG B 143 -21.41 4.95 23.93
C ARG B 143 -22.40 4.85 25.10
N GLY B 144 -22.62 3.61 25.56
CA GLY B 144 -23.47 3.29 26.69
C GLY B 144 -22.69 2.66 27.85
N SER B 145 -23.36 2.47 29.01
CA SER B 145 -22.74 1.86 30.20
C SER B 145 -22.33 0.38 29.97
N LEU B 146 -22.90 -0.28 28.92
CA LEU B 146 -22.56 -1.65 28.55
C LEU B 146 -21.49 -1.63 27.44
N ASP B 147 -20.23 -1.94 27.82
CA ASP B 147 -19.12 -2.01 26.88
C ASP B 147 -18.44 -3.39 26.89
N GLU B 148 -18.76 -4.17 25.85
CA GLU B 148 -18.30 -5.54 25.64
C GLU B 148 -17.74 -5.79 24.23
N SER B 149 -17.10 -6.98 24.04
CA SER B 149 -16.48 -7.47 22.82
C SER B 149 -17.00 -8.92 22.55
N SER B 150 -18.17 -9.04 21.88
CA SER B 150 -18.84 -10.31 21.59
C SER B 150 -19.33 -10.41 20.12
N LEU B 151 -19.11 -9.33 19.37
CA LEU B 151 -19.56 -9.00 18.02
C LEU B 151 -19.45 -9.97 16.79
N GLY B 152 -18.25 -10.17 16.25
CA GLY B 152 -17.95 -10.94 15.04
C GLY B 152 -18.78 -12.15 14.63
N PHE B 153 -19.19 -12.22 13.34
CA PHE B 153 -19.96 -13.36 12.79
C PHE B 153 -19.00 -14.41 12.27
N GLY B 154 -19.38 -15.70 12.43
CA GLY B 154 -18.53 -16.73 11.89
C GLY B 154 -18.97 -18.18 11.96
N TYR B 155 -17.94 -19.04 11.93
CA TYR B 155 -18.06 -20.47 11.82
C TYR B 155 -17.37 -21.16 12.97
N PRO B 156 -18.16 -21.62 13.97
CA PRO B 156 -17.57 -22.34 15.11
C PRO B 156 -16.97 -23.67 14.66
N LYS B 157 -17.48 -24.23 13.56
CA LYS B 157 -17.01 -25.50 13.05
C LYS B 157 -16.43 -25.35 11.62
N PHE B 158 -15.40 -24.50 11.46
CA PHE B 158 -14.84 -24.23 10.13
C PHE B 158 -14.19 -25.48 9.50
N ILE B 159 -13.31 -26.12 10.26
CA ILE B 159 -12.62 -27.34 9.85
C ILE B 159 -12.32 -28.13 11.12
N SER B 160 -12.60 -29.42 11.08
CA SER B 160 -12.36 -30.30 12.23
C SER B 160 -10.86 -30.55 12.40
N HIS B 161 -10.45 -30.94 13.61
CA HIS B 161 -9.06 -31.28 13.92
C HIS B 161 -8.63 -32.48 13.08
N GLN B 162 -9.56 -33.43 12.79
CA GLN B 162 -9.27 -34.59 11.92
C GLN B 162 -8.95 -34.14 10.48
N ASP B 163 -9.76 -33.24 9.92
CA ASP B 163 -9.57 -32.72 8.55
C ASP B 163 -8.37 -31.83 8.37
N ILE B 164 -8.02 -31.00 9.37
CA ILE B 164 -6.87 -30.11 9.26
C ILE B 164 -5.53 -30.85 9.14
N ARG B 165 -5.48 -32.12 9.60
CA ARG B 165 -4.29 -32.99 9.55
C ARG B 165 -4.15 -33.71 8.20
N LYS B 166 -5.15 -33.57 7.33
CA LYS B 166 -5.16 -34.18 6.00
C LYS B 166 -4.53 -33.15 5.03
N ARG B 167 -4.11 -33.59 3.85
CA ARG B 167 -3.52 -32.71 2.83
C ARG B 167 -2.42 -31.79 3.43
N ASN B 168 -2.33 -30.55 2.96
CA ASN B 168 -1.32 -29.60 3.41
C ASN B 168 -1.89 -28.34 4.06
N TYR B 169 -2.94 -28.46 4.89
CA TYR B 169 -3.50 -27.28 5.60
C TYR B 169 -2.50 -26.73 6.59
N VAL B 170 -1.76 -27.63 7.26
CA VAL B 170 -0.68 -27.26 8.17
C VAL B 170 0.58 -27.70 7.42
N ARG B 171 1.48 -26.77 7.14
CA ARG B 171 2.75 -27.07 6.46
C ARG B 171 3.80 -26.15 7.05
N ASP B 172 4.98 -26.69 7.35
CA ASP B 172 6.08 -25.98 8.02
C ASP B 172 5.59 -25.29 9.29
N ASP B 173 4.72 -26.01 10.04
CA ASP B 173 4.13 -25.55 11.30
C ASP B 173 3.37 -24.20 11.20
N ALA B 174 2.71 -23.98 10.03
CA ALA B 174 1.93 -22.76 9.80
C ALA B 174 0.66 -23.03 9.00
N VAL B 175 -0.35 -22.19 9.20
CA VAL B 175 -1.63 -22.24 8.46
C VAL B 175 -1.83 -20.87 7.82
N PHE B 176 -2.56 -20.85 6.68
CA PHE B 176 -2.91 -19.62 5.99
C PHE B 176 -4.43 -19.48 5.97
N ILE B 177 -4.92 -18.37 6.50
CA ILE B 177 -6.33 -18.01 6.52
C ILE B 177 -6.52 -16.90 5.47
N ARG B 178 -7.44 -17.11 4.52
CA ARG B 178 -7.76 -16.12 3.52
C ARG B 178 -9.18 -15.55 3.76
N ALA B 179 -9.33 -14.23 3.70
CA ALA B 179 -10.62 -13.56 3.77
C ALA B 179 -10.72 -12.67 2.51
N ALA B 180 -11.64 -13.01 1.61
CA ALA B 180 -11.84 -12.26 0.36
C ALA B 180 -13.14 -11.51 0.46
N VAL B 181 -13.07 -10.20 0.32
CA VAL B 181 -14.25 -9.33 0.45
C VAL B 181 -14.62 -8.76 -0.91
N GLU B 182 -15.93 -8.77 -1.21
CA GLU B 182 -16.51 -8.17 -2.41
C GLU B 182 -16.23 -6.66 -2.40
N LEU B 183 -15.66 -6.19 -3.50
CA LEU B 183 -15.31 -4.78 -3.57
C LEU B 183 -16.32 -3.93 -4.34
N PRO B 184 -16.31 -2.56 -4.18
CA PRO B 184 -17.16 -1.73 -5.05
C PRO B 184 -16.80 -2.01 -6.51
N ARG B 185 -17.83 -2.15 -7.35
CA ARG B 185 -17.65 -2.39 -8.78
C ARG B 185 -17.16 -1.14 -9.46
N LYS B 186 -16.25 -1.34 -10.43
CA LYS B 186 -15.72 -0.27 -11.24
C LYS B 186 -16.83 0.20 -12.21
N ILE B 187 -16.95 1.53 -12.38
CA ILE B 187 -17.89 2.17 -13.30
C ILE B 187 -17.22 2.36 -14.67
N LEU B 188 -18.04 2.37 -15.69
CA LEU B 188 -17.63 2.50 -17.09
C LEU B 188 -18.70 3.31 -17.78
N SER B 189 -18.27 4.29 -18.57
CA SER B 189 -19.17 5.08 -19.41
C SER B 189 -19.09 4.50 -20.82
N LEU B 190 -20.26 4.14 -21.40
CA LEU B 190 -20.35 3.63 -22.79
C LEU B 190 -20.41 4.81 -23.76
N ARG C 6 19.72 11.40 16.73
CA ARG C 6 20.16 10.05 16.38
C ARG C 6 18.96 9.16 15.96
N GLN C 7 18.08 8.80 16.93
CA GLN C 7 16.90 7.96 16.65
C GLN C 7 15.85 8.79 15.91
N ARG C 8 15.95 10.13 16.02
CA ARG C 8 15.10 11.14 15.36
C ARG C 8 15.19 10.98 13.83
N GLN C 9 16.39 10.62 13.31
CA GLN C 9 16.65 10.37 11.88
C GLN C 9 16.36 8.92 11.47
N GLU C 10 16.41 7.97 12.43
CA GLU C 10 16.09 6.55 12.22
C GLU C 10 14.57 6.45 11.99
N LEU C 11 13.83 7.26 12.78
CA LEU C 11 12.38 7.46 12.74
C LEU C 11 12.04 8.30 11.50
N GLN C 12 12.92 9.25 11.12
CA GLN C 12 12.71 10.10 9.94
C GLN C 12 12.89 9.30 8.65
N GLU C 13 13.77 8.27 8.67
CA GLU C 13 14.00 7.35 7.54
C GLU C 13 12.70 6.56 7.28
N LEU C 14 12.06 6.04 8.36
CA LEU C 14 10.82 5.28 8.28
C LEU C 14 9.66 6.16 7.84
N ARG C 15 9.63 7.43 8.35
CA ARG C 15 8.61 8.44 8.00
C ARG C 15 8.68 8.79 6.51
N ARG C 16 9.90 8.90 5.95
CA ARG C 16 10.13 9.21 4.54
C ARG C 16 9.61 8.05 3.69
N GLU C 17 9.92 6.80 4.12
CA GLU C 17 9.44 5.60 3.42
C GLU C 17 7.91 5.49 3.42
N LEU C 18 7.29 5.84 4.55
CA LEU C 18 5.83 5.84 4.64
C LEU C 18 5.23 6.84 3.64
N GLU C 19 5.88 8.02 3.48
CA GLU C 19 5.47 9.07 2.52
C GLU C 19 5.56 8.55 1.06
N GLU C 20 6.58 7.76 0.75
CA GLU C 20 6.73 7.14 -0.56
C GLU C 20 5.60 6.12 -0.88
N LEU C 21 4.99 5.57 0.18
CA LEU C 21 3.86 4.65 0.09
C LEU C 21 2.50 5.34 0.03
N SER C 22 2.45 6.69 0.17
CA SER C 22 1.21 7.45 0.07
C SER C 22 0.92 7.65 -1.40
N VAL C 23 -0.06 6.89 -1.91
CA VAL C 23 -0.42 6.89 -3.32
C VAL C 23 -1.94 6.95 -3.41
N GLY C 24 -2.45 7.77 -4.34
CA GLY C 24 -3.88 7.90 -4.64
C GLY C 24 -4.48 6.58 -5.06
N SER C 25 -5.77 6.39 -4.77
CA SER C 25 -6.51 5.18 -5.14
C SER C 25 -7.23 5.56 -6.44
N ASP C 26 -6.74 5.07 -7.59
CA ASP C 26 -7.24 5.44 -8.91
C ASP C 26 -7.22 6.99 -9.07
N GLY C 27 -6.10 7.59 -8.64
CA GLY C 27 -5.87 9.03 -8.68
C GLY C 27 -6.55 9.84 -7.59
N VAL C 28 -7.19 9.15 -6.62
CA VAL C 28 -7.93 9.83 -5.55
C VAL C 28 -7.24 9.82 -4.20
N LEU C 29 -7.18 10.99 -3.60
CA LEU C 29 -6.72 11.14 -2.23
C LEU C 29 -7.91 11.61 -1.43
N ILE C 30 -8.15 10.97 -0.29
CA ILE C 30 -9.16 11.43 0.66
C ILE C 30 -8.41 11.81 1.92
N TRP C 31 -8.50 13.09 2.27
CA TRP C 31 -7.83 13.69 3.41
C TRP C 31 -8.80 14.04 4.53
N LYS C 32 -8.64 13.37 5.68
CA LYS C 32 -9.47 13.61 6.86
C LYS C 32 -8.86 14.69 7.75
N ILE C 33 -9.59 15.77 7.98
CA ILE C 33 -9.13 16.81 8.88
C ILE C 33 -9.91 16.60 10.17
N GLY C 34 -9.24 16.03 11.17
CA GLY C 34 -9.81 15.77 12.49
C GLY C 34 -9.66 16.98 13.37
N SER C 35 -10.34 16.96 14.56
CA SER C 35 -10.36 18.07 15.54
C SER C 35 -10.73 19.40 14.84
N TYR C 36 -11.76 19.37 13.96
CA TYR C 36 -12.21 20.54 13.20
C TYR C 36 -12.46 21.80 14.04
N GLY C 37 -13.23 21.67 15.13
CA GLY C 37 -13.59 22.78 16.00
C GLY C 37 -12.38 23.48 16.59
N ARG C 38 -11.43 22.68 17.11
CA ARG C 38 -10.18 23.18 17.71
C ARG C 38 -9.31 23.88 16.65
N ARG C 39 -9.15 23.26 15.47
CA ARG C 39 -8.35 23.78 14.37
C ARG C 39 -8.95 25.03 13.77
N LEU C 40 -10.30 25.09 13.70
CA LEU C 40 -10.97 26.28 13.20
C LEU C 40 -10.70 27.46 14.14
N GLN C 41 -10.81 27.26 15.46
CA GLN C 41 -10.51 28.30 16.46
C GLN C 41 -9.06 28.76 16.37
N GLU C 42 -8.14 27.80 16.13
CA GLU C 42 -6.72 28.12 15.98
C GLU C 42 -6.51 28.97 14.72
N ALA C 43 -7.25 28.66 13.62
CA ALA C 43 -7.19 29.41 12.35
C ALA C 43 -7.69 30.85 12.54
N LYS C 44 -8.74 31.06 13.36
CA LYS C 44 -9.27 32.38 13.65
C LYS C 44 -8.23 33.24 14.42
N ALA C 45 -7.40 32.59 15.24
CA ALA C 45 -6.38 33.26 16.06
C ALA C 45 -5.06 33.45 15.31
N LYS C 46 -4.84 32.65 14.26
CA LYS C 46 -3.60 32.65 13.48
C LYS C 46 -3.95 32.68 11.98
N PRO C 47 -4.19 33.87 11.37
CA PRO C 47 -4.63 33.89 9.95
C PRO C 47 -3.71 33.19 8.95
N ASN C 48 -2.38 33.08 9.21
CA ASN C 48 -1.47 32.36 8.29
C ASN C 48 -1.46 30.83 8.54
N LEU C 49 -2.36 30.33 9.44
CA LEU C 49 -2.45 28.89 9.75
C LEU C 49 -3.08 28.07 8.62
N GLU C 50 -2.23 27.29 7.95
CA GLU C 50 -2.60 26.42 6.85
C GLU C 50 -2.44 24.95 7.26
N CYS C 51 -3.46 24.11 6.96
CA CYS C 51 -3.49 22.66 7.19
C CYS C 51 -2.97 22.02 5.93
N PHE C 52 -2.16 20.94 6.07
CA PHE C 52 -1.60 20.24 4.92
C PHE C 52 -1.98 18.79 4.93
N SER C 53 -2.28 18.24 3.76
CA SER C 53 -2.61 16.83 3.65
C SER C 53 -1.30 16.06 3.70
N PRO C 54 -1.26 14.72 3.90
CA PRO C 54 0.00 14.01 3.65
C PRO C 54 0.33 14.21 2.16
N ALA C 55 1.62 14.23 1.82
CA ALA C 55 2.03 14.27 0.41
C ALA C 55 1.57 12.95 -0.19
N PHE C 56 1.22 12.93 -1.47
CA PHE C 56 0.79 11.70 -2.13
C PHE C 56 1.20 11.68 -3.58
N TYR C 57 1.45 10.47 -4.10
CA TYR C 57 1.71 10.26 -5.51
C TYR C 57 0.35 10.07 -6.16
N THR C 58 0.11 10.75 -7.32
CA THR C 58 -1.13 10.61 -8.10
C THR C 58 -1.38 9.14 -8.45
N HIS C 59 -0.31 8.42 -8.78
CA HIS C 59 -0.29 7.02 -9.13
C HIS C 59 1.13 6.55 -8.82
N LYS C 60 1.32 5.22 -8.73
CA LYS C 60 2.65 4.68 -8.46
C LYS C 60 3.61 5.18 -9.55
N TYR C 61 4.72 5.79 -9.11
CA TYR C 61 5.75 6.37 -9.99
C TYR C 61 5.27 7.65 -10.70
N GLY C 62 4.24 8.31 -10.15
CA GLY C 62 3.66 9.50 -10.71
C GLY C 62 4.10 10.79 -10.04
N TYR C 63 3.26 11.83 -10.14
CA TYR C 63 3.51 13.17 -9.58
C TYR C 63 3.26 13.16 -8.08
N LYS C 64 4.10 13.86 -7.31
CA LYS C 64 3.91 14.04 -5.88
C LYS C 64 3.18 15.37 -5.68
N LEU C 65 2.00 15.30 -5.05
CA LEU C 65 1.15 16.45 -4.77
C LEU C 65 0.83 16.54 -3.29
N GLN C 66 0.32 17.69 -2.87
CA GLN C 66 -0.09 17.92 -1.50
C GLN C 66 -1.23 18.94 -1.51
N VAL C 67 -2.30 18.60 -0.84
CA VAL C 67 -3.48 19.44 -0.72
C VAL C 67 -3.29 20.26 0.56
N SER C 68 -3.81 21.46 0.56
CA SER C 68 -3.78 22.33 1.74
C SER C 68 -5.14 23.06 1.93
N ALA C 69 -5.42 23.54 3.16
CA ALA C 69 -6.65 24.24 3.52
C ALA C 69 -6.44 25.29 4.61
N PHE C 70 -7.19 26.40 4.51
CA PHE C 70 -7.28 27.44 5.55
C PHE C 70 -8.74 27.28 5.99
N LEU C 71 -8.92 26.73 7.19
CA LEU C 71 -10.24 26.44 7.76
C LEU C 71 -11.06 27.70 7.99
N ASN C 72 -10.39 28.83 8.29
CA ASN C 72 -11.05 30.11 8.41
C ASN C 72 -10.86 30.96 7.15
N GLY C 73 -10.33 30.35 6.08
CA GLY C 73 -10.11 31.01 4.81
C GLY C 73 -8.92 31.92 4.73
N ASN C 74 -8.49 32.21 3.51
CA ASN C 74 -7.42 33.17 3.25
C ASN C 74 -7.82 33.98 2.03
N GLY C 75 -7.05 35.04 1.76
CA GLY C 75 -7.30 35.94 0.65
C GLY C 75 -8.72 36.44 0.67
N SER C 76 -9.44 36.30 -0.46
CA SER C 76 -10.82 36.79 -0.54
C SER C 76 -11.83 35.99 0.32
N GLY C 77 -11.41 34.82 0.81
CA GLY C 77 -12.25 33.98 1.67
C GLY C 77 -11.97 34.09 3.15
N GLU C 78 -11.03 34.98 3.55
CA GLU C 78 -10.62 35.15 4.95
C GLU C 78 -11.76 35.54 5.88
N GLY C 79 -11.98 34.71 6.89
CA GLY C 79 -13.02 34.87 7.90
C GLY C 79 -14.41 34.43 7.46
N THR C 80 -14.60 34.00 6.18
CA THR C 80 -15.94 33.69 5.64
C THR C 80 -16.07 32.35 4.95
N HIS C 81 -14.95 31.74 4.53
CA HIS C 81 -14.95 30.50 3.76
C HIS C 81 -13.83 29.56 4.16
N LEU C 82 -13.95 28.32 3.72
CA LEU C 82 -12.89 27.33 3.75
C LEU C 82 -12.18 27.57 2.40
N SER C 83 -10.84 27.71 2.40
CA SER C 83 -10.07 27.90 1.15
C SER C 83 -9.30 26.60 0.91
N LEU C 84 -9.27 26.08 -0.33
CA LEU C 84 -8.67 24.79 -0.67
C LEU C 84 -7.64 24.96 -1.78
N TYR C 85 -6.44 24.36 -1.61
CA TYR C 85 -5.36 24.50 -2.61
C TYR C 85 -4.62 23.20 -2.85
N ILE C 86 -3.86 23.17 -3.94
CA ILE C 86 -3.00 22.03 -4.24
C ILE C 86 -1.63 22.54 -4.72
N ARG C 87 -0.59 21.76 -4.42
CA ARG C 87 0.77 22.05 -4.86
C ARG C 87 1.42 20.79 -5.37
N VAL C 88 2.36 20.97 -6.30
CA VAL C 88 3.25 19.94 -6.80
C VAL C 88 4.47 20.03 -5.87
N LEU C 89 4.95 18.89 -5.38
CA LEU C 89 6.19 18.84 -4.60
C LEU C 89 7.26 18.08 -5.42
N PRO C 90 8.59 18.26 -5.13
CA PRO C 90 9.61 17.42 -5.80
C PRO C 90 9.35 15.95 -5.47
N GLY C 91 9.26 15.14 -6.51
CA GLY C 91 9.03 13.71 -6.38
C GLY C 91 10.19 12.89 -6.88
N ALA C 92 10.30 11.63 -6.41
CA ALA C 92 11.42 10.75 -6.79
C ALA C 92 11.45 10.42 -8.28
N PHE C 93 10.30 10.48 -8.97
CA PHE C 93 10.14 10.05 -10.36
C PHE C 93 9.91 11.19 -11.35
N ASP C 94 10.15 12.45 -10.92
CA ASP C 94 9.92 13.63 -11.77
C ASP C 94 10.53 13.57 -13.18
N ASN C 95 11.74 13.02 -13.32
CA ASN C 95 12.43 12.93 -14.61
C ASN C 95 11.77 11.97 -15.63
N LEU C 96 10.79 11.17 -15.17
CA LEU C 96 10.06 10.23 -16.01
C LEU C 96 8.72 10.82 -16.46
N LEU C 97 8.37 11.99 -15.93
CA LEU C 97 7.06 12.60 -16.16
C LEU C 97 7.00 13.74 -17.17
N GLU C 98 5.79 14.03 -17.66
CA GLU C 98 5.54 15.15 -18.56
C GLU C 98 5.42 16.42 -17.72
N TRP C 99 6.05 17.51 -18.17
CA TRP C 99 5.99 18.80 -17.51
C TRP C 99 5.61 19.91 -18.52
N PRO C 100 4.77 20.90 -18.15
CA PRO C 100 4.16 21.12 -16.82
C PRO C 100 3.11 20.09 -16.44
N PHE C 101 2.83 19.95 -15.15
CA PHE C 101 1.77 19.06 -14.66
C PHE C 101 0.46 19.60 -15.29
N ALA C 102 -0.26 18.73 -16.01
CA ALA C 102 -1.44 19.19 -16.76
C ALA C 102 -2.63 18.27 -16.61
N ARG C 103 -2.64 17.43 -15.55
CA ARG C 103 -3.73 16.48 -15.29
CA ARG C 103 -3.75 16.50 -15.34
C ARG C 103 -4.88 17.18 -14.56
N ARG C 104 -6.15 17.01 -15.06
CA ARG C 104 -7.34 17.61 -14.45
C ARG C 104 -7.44 17.23 -12.96
N VAL C 105 -7.74 18.23 -12.10
CA VAL C 105 -7.86 18.04 -10.66
C VAL C 105 -9.29 18.38 -10.23
N THR C 106 -9.93 17.50 -9.47
CA THR C 106 -11.26 17.72 -8.95
C THR C 106 -11.22 17.70 -7.43
N PHE C 107 -11.59 18.84 -6.83
CA PHE C 107 -11.67 18.97 -5.38
C PHE C 107 -13.11 18.75 -4.93
N SER C 108 -13.31 18.04 -3.84
CA SER C 108 -14.64 17.92 -3.24
C SER C 108 -14.54 17.98 -1.73
N LEU C 109 -15.48 18.67 -1.09
CA LEU C 109 -15.64 18.63 0.34
C LEU C 109 -16.82 17.66 0.48
N LEU C 110 -16.59 16.55 1.16
CA LEU C 110 -17.57 15.48 1.25
C LEU C 110 -18.71 15.68 2.24
N ASP C 111 -19.95 15.41 1.78
CA ASP C 111 -21.13 15.46 2.61
C ASP C 111 -21.16 14.10 3.32
N GLN C 112 -20.89 14.09 4.64
CA GLN C 112 -20.83 12.84 5.41
C GLN C 112 -22.22 12.24 5.76
N SER C 113 -23.14 12.20 4.79
CA SER C 113 -24.49 11.66 4.98
C SER C 113 -24.46 10.22 4.58
N ASP C 114 -25.16 9.39 5.35
CA ASP C 114 -25.28 7.95 5.12
C ASP C 114 -25.80 7.77 3.69
N PRO C 115 -24.99 7.24 2.73
CA PRO C 115 -25.47 7.11 1.34
C PRO C 115 -26.66 6.17 1.19
N GLY C 116 -26.86 5.25 2.15
CA GLY C 116 -27.97 4.32 2.13
C GLY C 116 -29.30 4.97 2.49
N LEU C 117 -29.22 6.10 3.19
CA LEU C 117 -30.36 6.89 3.63
C LEU C 117 -30.72 7.88 2.51
N ALA C 118 -29.81 8.85 2.23
CA ALA C 118 -30.01 9.92 1.26
C ALA C 118 -28.72 10.21 0.48
N LYS C 119 -28.87 10.74 -0.75
CA LYS C 119 -27.75 11.08 -1.59
C LYS C 119 -26.91 12.22 -0.94
N PRO C 120 -25.62 11.95 -0.66
CA PRO C 120 -24.74 13.01 -0.13
C PRO C 120 -24.55 14.12 -1.18
N GLN C 121 -24.59 15.39 -0.75
CA GLN C 121 -24.40 16.50 -1.68
C GLN C 121 -23.03 17.12 -1.51
N HIS C 122 -22.04 16.52 -2.18
CA HIS C 122 -20.65 16.99 -2.11
C HIS C 122 -20.49 18.33 -2.80
N VAL C 123 -19.59 19.17 -2.29
CA VAL C 123 -19.29 20.49 -2.87
C VAL C 123 -18.03 20.26 -3.70
N THR C 124 -18.14 20.45 -5.01
CA THR C 124 -17.09 20.11 -5.96
C THR C 124 -16.66 21.23 -6.91
N GLU C 125 -15.34 21.33 -7.17
CA GLU C 125 -14.76 22.25 -8.17
C GLU C 125 -13.75 21.45 -9.00
N THR C 126 -13.69 21.72 -10.32
CA THR C 126 -12.71 21.05 -11.21
C THR C 126 -11.93 22.10 -12.00
N PHE C 127 -10.63 21.83 -12.26
CA PHE C 127 -9.79 22.73 -13.07
C PHE C 127 -8.73 21.96 -13.84
N HIS C 128 -8.27 22.54 -14.95
CA HIS C 128 -7.15 22.02 -15.72
C HIS C 128 -5.97 22.88 -15.25
N PRO C 129 -4.88 22.28 -14.74
CA PRO C 129 -3.73 23.09 -14.25
C PRO C 129 -3.17 24.08 -15.26
N ASP C 130 -2.96 25.32 -14.81
CA ASP C 130 -2.50 26.41 -15.66
C ASP C 130 -1.00 26.23 -15.99
N PRO C 131 -0.63 26.09 -17.29
CA PRO C 131 0.81 25.92 -17.63
C PRO C 131 1.71 27.09 -17.24
N ASN C 132 1.13 28.26 -16.97
CA ASN C 132 1.86 29.47 -16.56
C ASN C 132 2.08 29.56 -15.04
N TRP C 133 1.40 28.69 -14.27
CA TRP C 133 1.58 28.65 -12.81
C TRP C 133 2.95 27.96 -12.52
N LYS C 134 3.92 28.71 -11.95
CA LYS C 134 5.29 28.24 -11.72
C LYS C 134 5.39 26.92 -10.96
N ASN C 135 4.54 26.72 -9.95
CA ASN C 135 4.54 25.47 -9.20
C ASN C 135 4.05 24.26 -10.02
N PHE C 136 3.37 24.47 -11.16
CA PHE C 136 2.97 23.32 -12.02
C PHE C 136 4.12 22.91 -12.95
N GLN C 137 5.14 23.74 -13.04
CA GLN C 137 6.34 23.47 -13.84
C GLN C 137 7.23 22.46 -13.09
N LYS C 138 8.19 21.85 -13.78
CA LYS C 138 9.05 20.85 -13.18
C LYS C 138 9.76 21.37 -11.93
N PRO C 139 9.64 20.69 -10.77
CA PRO C 139 10.31 21.16 -9.55
C PRO C 139 11.83 21.27 -9.73
N GLY C 140 12.40 22.31 -9.16
CA GLY C 140 13.83 22.59 -9.28
C GLY C 140 14.16 23.54 -10.40
N THR C 141 13.23 23.79 -11.34
CA THR C 141 13.45 24.70 -12.48
C THR C 141 12.87 26.08 -12.20
N GLU C 148 7.74 36.19 -5.46
CA GLU C 148 6.45 35.53 -5.72
C GLU C 148 5.95 34.78 -4.47
N SER C 149 4.61 34.61 -4.37
CA SER C 149 3.93 33.94 -3.24
C SER C 149 4.19 32.43 -3.16
N SER C 150 4.22 31.91 -1.93
CA SER C 150 4.42 30.49 -1.63
C SER C 150 3.08 29.72 -1.61
N LEU C 151 1.97 30.41 -1.95
CA LEU C 151 0.63 29.81 -1.95
C LEU C 151 0.40 28.79 -3.10
N GLY C 152 -0.45 27.80 -2.83
CA GLY C 152 -0.86 26.78 -3.80
C GLY C 152 -1.91 27.33 -4.74
N PHE C 153 -2.44 26.46 -5.60
CA PHE C 153 -3.43 26.78 -6.62
C PHE C 153 -4.78 26.23 -6.19
N GLY C 154 -5.80 27.07 -6.23
CA GLY C 154 -7.12 26.62 -5.82
C GLY C 154 -8.18 27.69 -5.62
N TYR C 155 -8.96 27.52 -4.56
CA TYR C 155 -10.16 28.26 -4.30
C TYR C 155 -10.17 28.93 -2.95
N PRO C 156 -9.97 30.28 -2.88
CA PRO C 156 -10.07 30.99 -1.60
C PRO C 156 -11.50 30.92 -1.04
N LYS C 157 -12.51 30.79 -1.92
CA LYS C 157 -13.92 30.72 -1.51
C LYS C 157 -14.56 29.38 -1.88
N PHE C 158 -14.01 28.27 -1.36
CA PHE C 158 -14.50 26.93 -1.71
C PHE C 158 -15.93 26.68 -1.20
N ILE C 159 -16.14 26.91 0.09
CA ILE C 159 -17.45 26.77 0.73
C ILE C 159 -17.51 27.80 1.84
N SER C 160 -18.65 28.50 1.95
CA SER C 160 -18.82 29.50 3.00
C SER C 160 -19.01 28.84 4.37
N HIS C 161 -18.74 29.60 5.45
CA HIS C 161 -18.94 29.12 6.82
C HIS C 161 -20.43 28.82 7.05
N GLN C 162 -21.35 29.56 6.41
CA GLN C 162 -22.80 29.30 6.50
C GLN C 162 -23.15 27.95 5.88
N ASP C 163 -22.64 27.67 4.66
CA ASP C 163 -22.90 26.40 3.95
C ASP C 163 -22.27 25.18 4.58
N ILE C 164 -21.06 25.31 5.16
CA ILE C 164 -20.40 24.15 5.77
C ILE C 164 -21.17 23.59 6.99
N ARG C 165 -22.02 24.42 7.63
CA ARG C 165 -22.85 24.04 8.78
C ARG C 165 -24.13 23.32 8.38
N LYS C 166 -24.44 23.31 7.07
CA LYS C 166 -25.61 22.65 6.51
C LYS C 166 -25.24 21.18 6.24
N ARG C 167 -26.25 20.31 6.12
CA ARG C 167 -26.03 18.88 5.85
C ARG C 167 -24.99 18.25 6.82
N ASN C 168 -24.07 17.43 6.30
CA ASN C 168 -23.09 16.76 7.15
C ASN C 168 -21.64 16.98 6.66
N TYR C 169 -21.32 18.21 6.29
CA TYR C 169 -19.95 18.56 5.90
C TYR C 169 -19.00 18.41 7.08
N VAL C 170 -19.47 18.77 8.30
CA VAL C 170 -18.70 18.58 9.52
C VAL C 170 -19.51 17.52 10.29
N ARG C 171 -18.86 16.40 10.60
CA ARG C 171 -19.51 15.31 11.34
C ARG C 171 -18.48 14.66 12.23
N ASP C 172 -18.83 14.40 13.50
CA ASP C 172 -17.91 13.85 14.51
C ASP C 172 -16.61 14.67 14.56
N ASP C 173 -16.77 16.00 14.48
CA ASP C 173 -15.68 16.95 14.57
C ASP C 173 -14.58 16.76 13.50
N ALA C 174 -15.00 16.33 12.29
CA ALA C 174 -14.07 16.10 11.20
C ALA C 174 -14.69 16.48 9.85
N VAL C 175 -13.83 16.82 8.90
CA VAL C 175 -14.22 17.12 7.52
C VAL C 175 -13.35 16.22 6.62
N PHE C 176 -13.88 15.83 5.47
CA PHE C 176 -13.15 15.07 4.46
C PHE C 176 -12.98 15.92 3.19
N ILE C 177 -11.74 16.06 2.76
CA ILE C 177 -11.36 16.72 1.51
C ILE C 177 -10.94 15.64 0.52
N ARG C 178 -11.60 15.61 -0.64
CA ARG C 178 -11.23 14.67 -1.72
C ARG C 178 -10.55 15.42 -2.88
N ALA C 179 -9.41 14.91 -3.35
CA ALA C 179 -8.70 15.46 -4.50
C ALA C 179 -8.55 14.33 -5.49
N ALA C 180 -9.25 14.42 -6.63
CA ALA C 180 -9.24 13.38 -7.65
C ALA C 180 -8.45 13.90 -8.84
N VAL C 181 -7.40 13.20 -9.19
CA VAL C 181 -6.55 13.59 -10.31
C VAL C 181 -6.86 12.64 -11.48
N GLU C 182 -7.22 13.21 -12.64
CA GLU C 182 -7.55 12.42 -13.85
C GLU C 182 -6.26 11.75 -14.34
N LEU C 183 -6.17 10.41 -14.30
CA LEU C 183 -4.93 9.68 -14.62
C LEU C 183 -4.80 9.44 -16.11
CL CL D . 10.92 -26.42 -7.65
CL CL E . 3.83 -29.13 9.84
CL CL F . 5.27 6.27 -6.57
#